data_4WKF
#
_entry.id   4WKF
#
_cell.length_a   85.502
_cell.length_b   103.434
_cell.length_c   41.580
_cell.angle_alpha   90.00
_cell.angle_beta   90.00
_cell.angle_gamma   90.00
#
_symmetry.space_group_name_H-M   'P 21 21 2'
#
loop_
_entity.id
_entity.type
_entity.pdbx_description
1 polymer Chitotriosidase-1
2 branched 2-acetamido-2-deoxy-beta-D-glucopyranose-(1-4)-2-acetamido-2-deoxy-beta-D-glucopyranose
3 water water
#
_entity_poly.entity_id   1
_entity_poly.type   'polypeptide(L)'
_entity_poly.pdbx_seq_one_letter_code
;AKLVCYFTNWAQYRQGEARFLPKDLDPSLCTHLIYAFAGMTNHQLSTTEWNDETLYQEFNGLKKMNPKLKTLLAIGGWNF
GTQKFTDMVATANNRQTFVNSAIRFLRKYSFDGLDLDWEYPGSQGSPAVDKERFTTLVQDLANAFQQEAQTSGKERLLLS
AAVPAGQTYVDAGYEVDKIAQNLDFVNLMAYDFHGSWEKVTGHNSPLYKRQEESGAAASLNVDAAVQQWLQKGTPASKLI
LGMPTYGRSFTLASSSDTRVGAPATGSGTPGPFTKEGGMLAYYEVCSWKGATKQRIQDQKVPYIFRDNQWVGFDDVESFK
TKVSYLKQKGLGGAMVWALDLDDFAGFSCNQGRYPLIQTLRQELSLVPRGSHHHHHH
;
_entity_poly.pdbx_strand_id   A
#
loop_
_chem_comp.id
_chem_comp.type
_chem_comp.name
_chem_comp.formula
NAG D-saccharide, beta linking 2-acetamido-2-deoxy-beta-D-glucopyranose 'C8 H15 N O6'
#
# COMPACT_ATOMS: atom_id res chain seq x y z
N ALA A 1 -17.75 -2.03 -6.29
CA ALA A 1 -16.38 -1.53 -6.16
C ALA A 1 -15.94 -1.50 -4.71
N LYS A 2 -14.64 -1.71 -4.49
CA LYS A 2 -14.02 -1.53 -3.20
C LYS A 2 -13.11 -0.31 -3.21
N LEU A 3 -13.00 0.32 -2.05
CA LEU A 3 -11.98 1.34 -1.80
C LEU A 3 -11.29 0.88 -0.52
N VAL A 4 -10.06 0.37 -0.67
CA VAL A 4 -9.29 -0.22 0.40
C VAL A 4 -8.26 0.79 0.87
N CYS A 5 -8.28 1.16 2.15
CA CYS A 5 -7.39 2.21 2.63
C CYS A 5 -6.54 1.72 3.76
N TYR A 6 -5.24 1.99 3.69
CA TYR A 6 -4.35 1.68 4.80
C TYR A 6 -4.23 2.81 5.82
N PHE A 7 -4.41 2.43 7.08
CA PHE A 7 -4.07 3.22 8.26
C PHE A 7 -2.68 2.79 8.72
N THR A 8 -1.86 3.73 9.18
CA THR A 8 -0.55 3.36 9.73
C THR A 8 -0.45 3.75 11.19
N ASN A 9 0.09 2.83 11.98
CA ASN A 9 0.12 2.99 13.43
C ASN A 9 1.30 3.81 13.93
N TRP A 10 2.03 4.45 13.03
CA TRP A 10 3.10 5.37 13.39
C TRP A 10 2.79 6.82 13.01
N ALA A 11 1.69 7.05 12.28
CA ALA A 11 1.32 8.40 11.88
C ALA A 11 0.96 9.26 13.09
N GLN A 12 0.55 8.61 14.17
CA GLN A 12 0.26 9.27 15.43
C GLN A 12 1.44 10.01 16.06
N TYR A 13 2.65 9.72 15.57
CA TYR A 13 3.86 10.33 16.13
C TYR A 13 4.35 11.55 15.37
N ARG A 14 3.71 11.90 14.26
CA ARG A 14 4.09 13.11 13.55
C ARG A 14 3.62 14.32 14.33
N GLN A 15 4.23 15.46 14.06
CA GLN A 15 3.96 16.64 14.83
C GLN A 15 2.88 17.55 14.20
N GLY A 16 2.28 18.38 15.04
CA GLY A 16 1.36 19.41 14.57
C GLY A 16 0.19 18.85 13.79
N GLU A 17 -0.12 19.53 12.69
CA GLU A 17 -1.30 19.23 11.89
C GLU A 17 -1.16 17.89 11.15
N ALA A 18 0.07 17.39 11.05
CA ALA A 18 0.33 16.10 10.39
C ALA A 18 0.08 14.90 11.31
N ARG A 19 -0.11 15.14 12.60
CA ARG A 19 -0.38 14.05 13.52
C ARG A 19 -1.73 13.42 13.20
N PHE A 20 -1.75 12.13 12.98
CA PHE A 20 -2.98 11.42 12.65
C PHE A 20 -3.48 10.69 13.88
N LEU A 21 -4.67 11.09 14.35
CA LEU A 21 -5.26 10.51 15.55
C LEU A 21 -6.59 9.86 15.21
N PRO A 22 -7.14 9.09 16.17
CA PRO A 22 -8.39 8.41 15.87
C PRO A 22 -9.52 9.32 15.38
N LYS A 23 -9.57 10.57 15.84
CA LYS A 23 -10.61 11.49 15.38
C LYS A 23 -10.54 11.74 13.88
N ASP A 24 -9.39 11.48 13.27
N ASP A 24 -9.39 11.45 13.27
CA ASP A 24 -9.19 11.70 11.85
CA ASP A 24 -9.18 11.70 11.85
C ASP A 24 -9.69 10.56 10.96
C ASP A 24 -9.69 10.56 10.96
N LEU A 25 -10.04 9.44 11.59
CA LEU A 25 -10.65 8.31 10.89
C LEU A 25 -12.07 8.68 10.50
N ASP A 26 -12.42 8.41 9.25
CA ASP A 26 -13.76 8.64 8.73
C ASP A 26 -14.36 7.27 8.44
N PRO A 27 -15.38 6.87 9.19
CA PRO A 27 -15.93 5.52 9.03
C PRO A 27 -16.49 5.22 7.65
N SER A 28 -16.85 6.24 6.87
CA SER A 28 -17.48 6.02 5.57
C SER A 28 -16.64 6.47 4.38
N LEU A 29 -15.37 6.78 4.60
CA LEU A 29 -14.49 7.15 3.50
C LEU A 29 -14.17 5.98 2.59
N CYS A 30 -13.88 4.83 3.20
CA CYS A 30 -13.43 3.63 2.50
C CYS A 30 -14.39 2.48 2.76
N THR A 31 -14.36 1.44 1.95
CA THR A 31 -15.16 0.24 2.17
C THR A 31 -14.41 -0.79 3.03
N HIS A 32 -13.09 -0.76 2.96
CA HIS A 32 -12.24 -1.68 3.69
C HIS A 32 -11.09 -0.87 4.26
N LEU A 33 -10.85 -1.01 5.55
CA LEU A 33 -9.80 -0.28 6.23
C LEU A 33 -8.81 -1.32 6.75
N ILE A 34 -7.55 -1.16 6.39
CA ILE A 34 -6.50 -2.10 6.75
C ILE A 34 -5.51 -1.44 7.70
N TYR A 35 -5.24 -2.14 8.80
CA TYR A 35 -4.40 -1.64 9.87
C TYR A 35 -2.96 -2.08 9.62
N ALA A 36 -2.08 -1.13 9.35
CA ALA A 36 -0.66 -1.40 9.15
C ALA A 36 0.09 -0.98 10.41
N PHE A 37 0.81 -1.86 11.10
CA PHE A 37 1.00 -3.28 10.84
C PHE A 37 1.03 -4.04 12.16
N ALA A 38 0.68 -5.32 12.08
CA ALA A 38 1.04 -6.29 13.07
C ALA A 38 2.41 -6.88 12.74
N GLY A 39 2.99 -7.53 13.73
CA GLY A 39 4.25 -8.23 13.60
C GLY A 39 4.09 -9.68 14.02
N MET A 40 5.20 -10.28 14.43
CA MET A 40 5.21 -11.71 14.73
C MET A 40 6.23 -11.96 15.82
N THR A 41 5.84 -12.78 16.80
CA THR A 41 6.70 -13.21 17.89
C THR A 41 6.50 -14.71 18.08
N ASN A 42 7.58 -15.48 18.02
CA ASN A 42 7.50 -16.93 18.10
C ASN A 42 6.47 -17.52 17.15
N HIS A 43 6.46 -16.99 15.93
CA HIS A 43 5.59 -17.44 14.85
C HIS A 43 4.12 -17.11 15.08
N GLN A 44 3.73 -16.25 15.83
CA GLN A 44 2.42 -15.83 16.32
C GLN A 44 2.22 -14.33 16.14
N LEU A 45 1.03 -14.01 15.64
CA LEU A 45 0.65 -12.63 15.36
C LEU A 45 0.77 -11.79 16.63
N SER A 46 1.30 -10.59 16.48
CA SER A 46 1.54 -9.73 17.63
C SER A 46 1.45 -8.25 17.29
N THR A 47 1.19 -7.44 18.32
CA THR A 47 1.19 -5.99 18.16
C THR A 47 2.60 -5.45 17.92
N THR A 48 2.67 -4.23 17.39
CA THR A 48 3.94 -3.56 17.16
C THR A 48 4.07 -2.22 17.86
N GLU A 49 2.97 -1.58 18.26
CA GLU A 49 3.01 -0.31 18.98
C GLU A 49 2.33 -0.46 20.33
N TRP A 50 2.82 0.31 21.30
N TRP A 50 2.81 0.32 21.30
CA TRP A 50 2.37 0.22 22.68
CA TRP A 50 2.41 0.28 22.69
C TRP A 50 0.86 0.35 22.83
C TRP A 50 0.91 0.46 22.90
N ASN A 51 0.24 1.18 21.99
CA ASN A 51 -1.19 1.43 22.08
C ASN A 51 -2.00 0.79 20.97
N ASP A 52 -1.47 -0.24 20.33
CA ASP A 52 -2.24 -0.90 19.28
C ASP A 52 -3.61 -1.35 19.79
N GLU A 53 -3.66 -1.89 21.00
CA GLU A 53 -4.94 -2.39 21.51
C GLU A 53 -5.97 -1.25 21.64
N THR A 54 -5.53 -0.07 22.04
CA THR A 54 -6.39 1.12 22.07
C THR A 54 -6.88 1.43 20.66
N LEU A 55 -5.96 1.40 19.70
CA LEU A 55 -6.31 1.74 18.32
C LEU A 55 -7.17 0.68 17.65
N TYR A 56 -6.97 -0.59 17.99
CA TYR A 56 -7.85 -1.62 17.50
C TYR A 56 -9.29 -1.36 17.92
N GLN A 57 -9.49 -0.91 19.16
N GLN A 57 -9.48 -0.91 19.16
CA GLN A 57 -10.85 -0.62 19.64
CA GLN A 57 -10.80 -0.61 19.68
C GLN A 57 -11.45 0.60 18.94
C GLN A 57 -11.42 0.55 18.89
N GLU A 58 -10.62 1.58 18.62
CA GLU A 58 -11.10 2.72 17.83
C GLU A 58 -11.50 2.29 16.44
N PHE A 59 -10.65 1.44 15.87
CA PHE A 59 -10.63 1.16 14.47
C PHE A 59 -11.87 0.37 14.20
N ASN A 60 -12.06 -0.67 14.98
CA ASN A 60 -13.18 -1.55 14.80
C ASN A 60 -14.47 -0.90 15.36
N GLY A 61 -14.29 0.11 16.22
CA GLY A 61 -15.40 0.95 16.67
C GLY A 61 -16.04 1.85 15.60
N LEU A 62 -15.29 2.12 14.54
CA LEU A 62 -15.83 2.78 13.35
C LEU A 62 -16.97 1.98 12.77
N LYS A 63 -16.94 0.66 12.95
CA LYS A 63 -17.97 -0.19 12.39
C LYS A 63 -19.30 0.02 13.09
N LYS A 64 -19.28 0.56 14.31
CA LYS A 64 -20.51 0.93 14.97
C LYS A 64 -21.17 2.09 14.22
N MET A 65 -20.36 3.02 13.73
CA MET A 65 -20.85 4.17 12.97
C MET A 65 -21.26 3.76 11.54
N ASN A 66 -20.46 2.91 10.90
CA ASN A 66 -20.73 2.42 9.55
C ASN A 66 -20.68 0.90 9.56
N PRO A 67 -21.82 0.26 9.78
CA PRO A 67 -21.85 -1.21 9.89
C PRO A 67 -21.49 -1.94 8.58
N LYS A 68 -21.39 -1.23 7.46
CA LYS A 68 -20.94 -1.86 6.21
C LYS A 68 -19.43 -2.02 6.16
N LEU A 69 -18.70 -1.24 6.94
CA LEU A 69 -17.25 -1.21 6.89
C LEU A 69 -16.64 -2.56 7.25
N LYS A 70 -15.61 -2.98 6.51
CA LYS A 70 -14.83 -4.15 6.89
C LYS A 70 -13.43 -3.71 7.26
N THR A 71 -12.86 -4.33 8.28
CA THR A 71 -11.50 -4.04 8.71
C THR A 71 -10.62 -5.27 8.57
N LEU A 72 -9.37 -5.04 8.22
CA LEU A 72 -8.38 -6.09 8.18
C LEU A 72 -7.14 -5.63 8.91
N LEU A 73 -6.37 -6.59 9.40
CA LEU A 73 -5.07 -6.34 10.02
C LEU A 73 -3.98 -6.81 9.07
N ALA A 74 -3.05 -5.92 8.72
CA ALA A 74 -1.94 -6.27 7.84
C ALA A 74 -0.73 -6.70 8.65
N ILE A 75 -0.09 -7.78 8.23
CA ILE A 75 1.15 -8.21 8.85
C ILE A 75 2.30 -7.99 7.89
N GLY A 76 3.37 -7.37 8.40
CA GLY A 76 4.59 -7.21 7.64
C GLY A 76 4.94 -5.76 7.31
N GLY A 77 5.05 -5.48 6.02
CA GLY A 77 5.46 -4.19 5.52
C GLY A 77 6.94 -4.17 5.15
N TRP A 78 7.39 -3.08 4.54
N TRP A 78 7.39 -3.10 4.53
CA TRP A 78 8.75 -3.01 4.04
CA TRP A 78 8.77 -3.03 4.04
C TRP A 78 9.81 -3.18 5.14
C TRP A 78 9.78 -3.23 5.17
N ASN A 79 9.67 -2.43 6.23
CA ASN A 79 10.67 -2.43 7.29
C ASN A 79 10.73 -3.76 8.04
N PHE A 80 9.64 -4.51 8.04
CA PHE A 80 9.57 -5.76 8.79
C PHE A 80 10.54 -6.79 8.23
N GLY A 81 10.82 -6.71 6.93
CA GLY A 81 11.74 -7.64 6.29
C GLY A 81 11.15 -9.02 6.17
N THR A 82 12.02 -10.00 5.99
CA THR A 82 11.58 -11.32 5.57
C THR A 82 11.87 -12.46 6.55
N GLN A 83 12.87 -12.31 7.43
CA GLN A 83 13.33 -13.47 8.18
C GLN A 83 12.24 -14.15 9.02
N LYS A 84 11.39 -13.36 9.67
CA LYS A 84 10.36 -13.95 10.49
C LYS A 84 9.32 -14.70 9.66
N PHE A 85 9.02 -14.21 8.46
CA PHE A 85 8.15 -14.94 7.55
C PHE A 85 8.81 -16.24 7.11
N THR A 86 10.07 -16.18 6.71
CA THR A 86 10.82 -17.35 6.26
C THR A 86 10.81 -18.43 7.34
N ASP A 87 11.06 -18.03 8.58
CA ASP A 87 11.13 -19.00 9.67
C ASP A 87 9.76 -19.60 9.99
N MET A 88 8.72 -18.79 9.87
CA MET A 88 7.37 -19.25 10.15
C MET A 88 6.85 -20.20 9.06
N VAL A 89 7.20 -19.95 7.81
CA VAL A 89 6.67 -20.82 6.74
C VAL A 89 7.56 -22.03 6.47
N ALA A 90 8.67 -22.16 7.21
CA ALA A 90 9.63 -23.22 6.92
C ALA A 90 9.10 -24.61 7.17
N THR A 91 8.11 -24.74 8.06
CA THR A 91 7.51 -26.04 8.35
C THR A 91 6.00 -25.91 8.47
N ALA A 92 5.30 -27.01 8.23
CA ALA A 92 3.86 -27.06 8.42
C ALA A 92 3.51 -26.76 9.87
N ASN A 93 4.33 -27.24 10.79
N ASN A 93 4.33 -27.24 10.79
CA ASN A 93 4.10 -27.00 12.20
CA ASN A 93 4.11 -27.00 12.21
C ASN A 93 4.10 -25.51 12.53
C ASN A 93 4.10 -25.51 12.55
N ASN A 94 5.08 -24.78 12.03
CA ASN A 94 5.16 -23.35 12.31
C ASN A 94 4.04 -22.57 11.62
N ARG A 95 3.64 -23.00 10.43
CA ARG A 95 2.53 -22.35 9.76
C ARG A 95 1.26 -22.55 10.57
N GLN A 96 1.08 -23.74 11.12
CA GLN A 96 -0.11 -24.02 11.91
C GLN A 96 -0.16 -23.15 13.16
N THR A 97 0.99 -23.01 13.82
CA THR A 97 1.10 -22.10 14.96
C THR A 97 0.64 -20.69 14.55
N PHE A 98 1.14 -20.22 13.43
CA PHE A 98 0.79 -18.88 12.98
C PHE A 98 -0.70 -18.75 12.66
N VAL A 99 -1.23 -19.69 11.88
CA VAL A 99 -2.61 -19.64 11.45
C VAL A 99 -3.56 -19.65 12.65
N ASN A 100 -3.31 -20.55 13.58
CA ASN A 100 -4.16 -20.60 14.76
C ASN A 100 -4.07 -19.31 15.58
N SER A 101 -2.87 -18.73 15.68
CA SER A 101 -2.71 -17.48 16.41
C SER A 101 -3.47 -16.37 15.72
N ALA A 102 -3.47 -16.38 14.39
CA ALA A 102 -4.07 -15.31 13.63
C ALA A 102 -5.58 -15.31 13.82
N ILE A 103 -6.21 -16.48 13.72
CA ILE A 103 -7.64 -16.56 13.93
C ILE A 103 -8.02 -16.05 15.32
N ARG A 104 -7.33 -16.51 16.34
N ARG A 104 -7.28 -16.51 16.31
CA ARG A 104 -7.65 -16.06 17.70
CA ARG A 104 -7.50 -16.13 17.71
C ARG A 104 -7.48 -14.55 17.85
C ARG A 104 -7.39 -14.62 17.93
N PHE A 105 -6.39 -14.01 17.30
CA PHE A 105 -6.07 -12.59 17.44
C PHE A 105 -7.12 -11.74 16.72
N LEU A 106 -7.46 -12.13 15.49
CA LEU A 106 -8.42 -11.35 14.71
C LEU A 106 -9.79 -11.37 15.39
N ARG A 107 -10.17 -12.50 15.95
CA ARG A 107 -11.46 -12.56 16.63
C ARG A 107 -11.42 -11.79 17.94
N LYS A 108 -10.32 -11.87 18.67
CA LYS A 108 -10.19 -11.17 19.94
C LYS A 108 -10.39 -9.66 19.76
N TYR A 109 -9.85 -9.13 18.67
CA TYR A 109 -9.86 -7.69 18.45
C TYR A 109 -10.90 -7.22 17.42
N SER A 110 -11.74 -8.16 16.97
N SER A 110 -11.71 -8.16 16.93
CA SER A 110 -12.86 -7.83 16.08
CA SER A 110 -12.87 -7.90 16.07
C SER A 110 -12.41 -7.26 14.74
C SER A 110 -12.50 -7.39 14.68
N PHE A 111 -11.40 -7.88 14.16
CA PHE A 111 -11.05 -7.63 12.76
C PHE A 111 -11.81 -8.60 11.87
N ASP A 112 -12.10 -8.16 10.65
CA ASP A 112 -12.80 -8.99 9.67
C ASP A 112 -11.88 -9.78 8.75
N GLY A 113 -10.57 -9.62 8.88
CA GLY A 113 -9.66 -10.38 8.03
C GLY A 113 -8.20 -10.04 8.26
N LEU A 114 -7.36 -10.72 7.48
CA LEU A 114 -5.92 -10.57 7.52
C LEU A 114 -5.41 -10.17 6.14
N ASP A 115 -4.50 -9.19 6.10
CA ASP A 115 -3.82 -8.79 4.88
C ASP A 115 -2.34 -9.19 5.02
N LEU A 116 -1.88 -10.05 4.12
CA LEU A 116 -0.49 -10.46 4.13
C LEU A 116 0.36 -9.45 3.37
N ASP A 117 1.35 -8.87 4.03
CA ASP A 117 2.24 -7.91 3.39
CA ASP A 117 2.26 -7.88 3.43
C ASP A 117 3.71 -8.30 3.64
N TRP A 118 4.04 -9.53 3.26
CA TRP A 118 5.42 -9.99 3.27
C TRP A 118 6.13 -9.35 2.08
N GLU A 119 7.22 -8.64 2.35
CA GLU A 119 7.96 -7.95 1.28
C GLU A 119 9.39 -8.49 1.23
N TYR A 120 9.63 -9.60 0.52
CA TYR A 120 8.69 -10.38 -0.29
C TYR A 120 9.20 -11.83 -0.24
N PRO A 121 8.33 -12.82 -0.42
CA PRO A 121 8.84 -14.19 -0.54
C PRO A 121 9.79 -14.27 -1.74
N GLY A 122 10.94 -14.89 -1.54
CA GLY A 122 11.90 -15.09 -2.60
C GLY A 122 12.83 -13.92 -2.87
N SER A 123 12.65 -12.79 -2.18
CA SER A 123 13.46 -11.59 -2.37
C SER A 123 13.77 -10.98 -0.99
N GLN A 124 14.54 -9.89 -0.97
N GLN A 124 14.57 -9.91 -0.98
CA GLN A 124 14.84 -9.19 0.29
CA GLN A 124 14.88 -9.21 0.25
C GLN A 124 15.41 -10.14 1.35
C GLN A 124 15.36 -10.18 1.32
N GLY A 125 16.21 -11.10 0.92
CA GLY A 125 16.85 -12.05 1.82
C GLY A 125 16.15 -13.40 1.94
N SER A 126 14.90 -13.48 1.48
CA SER A 126 14.12 -14.71 1.57
C SER A 126 14.55 -15.68 0.47
N PRO A 127 14.75 -16.97 0.82
CA PRO A 127 15.23 -17.95 -0.16
C PRO A 127 14.16 -18.39 -1.15
N ALA A 128 14.60 -19.00 -2.24
CA ALA A 128 13.71 -19.42 -3.32
C ALA A 128 12.61 -20.39 -2.86
N VAL A 129 12.91 -21.22 -1.86
CA VAL A 129 11.91 -22.15 -1.36
C VAL A 129 10.68 -21.43 -0.82
N ASP A 130 10.81 -20.14 -0.51
CA ASP A 130 9.69 -19.40 0.05
C ASP A 130 8.58 -19.12 -0.97
N LYS A 131 8.86 -19.23 -2.26
CA LYS A 131 7.79 -19.05 -3.24
C LYS A 131 6.69 -20.09 -3.02
N GLU A 132 7.03 -21.38 -3.00
CA GLU A 132 6.04 -22.42 -2.79
CA GLU A 132 5.97 -22.37 -2.82
C GLU A 132 5.52 -22.42 -1.36
N ARG A 133 6.37 -22.07 -0.41
CA ARG A 133 5.91 -22.02 0.98
C ARG A 133 4.90 -20.89 1.20
N PHE A 134 5.04 -19.78 0.48
CA PHE A 134 4.06 -18.71 0.53
C PHE A 134 2.71 -19.19 -0.04
N THR A 135 2.76 -19.92 -1.16
CA THR A 135 1.55 -20.52 -1.70
C THR A 135 0.85 -21.35 -0.64
N THR A 136 1.61 -22.17 0.07
CA THR A 136 1.02 -23.01 1.08
C THR A 136 0.45 -22.20 2.23
N LEU A 137 1.16 -21.16 2.67
CA LEU A 137 0.64 -20.29 3.73
C LEU A 137 -0.71 -19.69 3.34
N VAL A 138 -0.80 -19.15 2.13
CA VAL A 138 -2.05 -18.58 1.65
C VAL A 138 -3.17 -19.64 1.66
N GLN A 139 -2.88 -20.84 1.17
CA GLN A 139 -3.87 -21.91 1.15
C GLN A 139 -4.27 -22.32 2.56
N ASP A 140 -3.28 -22.44 3.45
CA ASP A 140 -3.52 -22.80 4.84
C ASP A 140 -4.45 -21.80 5.52
N LEU A 141 -4.19 -20.50 5.31
CA LEU A 141 -5.00 -19.47 5.94
C LEU A 141 -6.42 -19.49 5.37
N ALA A 142 -6.55 -19.54 4.05
CA ALA A 142 -7.88 -19.54 3.44
C ALA A 142 -8.69 -20.73 3.96
N ASN A 143 -8.08 -21.90 3.99
CA ASN A 143 -8.79 -23.12 4.40
C ASN A 143 -9.18 -23.07 5.87
N ALA A 144 -8.26 -22.58 6.71
CA ALA A 144 -8.56 -22.45 8.14
C ALA A 144 -9.63 -21.40 8.42
N PHE A 145 -9.64 -20.31 7.65
CA PHE A 145 -10.68 -19.31 7.80
C PHE A 145 -12.05 -19.90 7.43
N GLN A 146 -12.07 -20.66 6.35
CA GLN A 146 -13.30 -21.33 5.95
C GLN A 146 -13.79 -22.27 7.06
N GLN A 147 -12.88 -23.04 7.64
CA GLN A 147 -13.24 -23.98 8.69
C GLN A 147 -13.79 -23.27 9.93
N GLU A 148 -13.17 -22.17 10.33
CA GLU A 148 -13.59 -21.46 11.53
C GLU A 148 -14.99 -20.88 11.35
N ALA A 149 -15.30 -20.45 10.13
CA ALA A 149 -16.62 -19.91 9.84
C ALA A 149 -17.68 -20.99 10.01
N GLN A 150 -17.37 -22.20 9.57
CA GLN A 150 -18.28 -23.32 9.73
C GLN A 150 -18.51 -23.65 11.21
N THR A 151 -17.43 -23.66 11.98
CA THR A 151 -17.49 -24.06 13.39
C THR A 151 -18.20 -23.02 14.24
N SER A 152 -17.90 -21.74 13.99
CA SER A 152 -18.37 -20.66 14.83
C SER A 152 -19.72 -20.11 14.38
N GLY A 153 -20.05 -20.32 13.11
CA GLY A 153 -21.24 -19.74 12.52
C GLY A 153 -21.08 -18.27 12.21
N LYS A 154 -19.88 -17.73 12.46
CA LYS A 154 -19.59 -16.33 12.18
C LYS A 154 -19.23 -16.14 10.71
N GLU A 155 -19.34 -14.91 10.24
CA GLU A 155 -18.96 -14.59 8.86
C GLU A 155 -17.47 -14.86 8.67
N ARG A 156 -17.12 -15.48 7.55
CA ARG A 156 -15.77 -15.93 7.30
C ARG A 156 -14.78 -14.78 7.30
N LEU A 157 -13.66 -14.96 7.99
CA LEU A 157 -12.55 -14.00 7.92
C LEU A 157 -12.06 -13.87 6.47
N LEU A 158 -11.77 -12.64 6.06
CA LEU A 158 -11.22 -12.36 4.74
C LEU A 158 -9.71 -12.53 4.73
N LEU A 159 -9.18 -12.90 3.57
CA LEU A 159 -7.73 -12.98 3.37
C LEU A 159 -7.36 -12.17 2.14
N SER A 160 -6.52 -11.16 2.32
CA SER A 160 -5.96 -10.43 1.20
C SER A 160 -4.45 -10.47 1.27
N ALA A 161 -3.80 -9.99 0.21
CA ALA A 161 -2.36 -9.82 0.20
C ALA A 161 -2.02 -8.58 -0.57
N ALA A 162 -1.03 -7.85 -0.07
CA ALA A 162 -0.41 -6.75 -0.80
C ALA A 162 0.73 -7.33 -1.60
N VAL A 163 0.75 -7.06 -2.90
CA VAL A 163 1.68 -7.71 -3.81
C VAL A 163 2.45 -6.71 -4.66
N PRO A 164 3.67 -7.07 -5.05
CA PRO A 164 4.53 -6.15 -5.80
C PRO A 164 4.15 -6.05 -7.26
N ALA A 165 4.56 -4.92 -7.84
CA ALA A 165 4.30 -4.61 -9.23
C ALA A 165 5.39 -5.06 -10.20
N GLY A 166 6.61 -5.25 -9.70
CA GLY A 166 7.76 -5.51 -10.55
C GLY A 166 7.97 -6.99 -10.82
N GLN A 167 8.22 -7.33 -12.07
CA GLN A 167 8.37 -8.72 -12.48
C GLN A 167 9.44 -9.47 -11.72
N THR A 168 10.54 -8.82 -11.32
CA THR A 168 11.58 -9.51 -10.58
C THR A 168 10.99 -10.12 -9.30
N TYR A 169 10.27 -9.30 -8.55
CA TYR A 169 9.71 -9.77 -7.30
C TYR A 169 8.54 -10.73 -7.54
N VAL A 170 7.72 -10.46 -8.55
CA VAL A 170 6.59 -11.32 -8.83
C VAL A 170 7.07 -12.73 -9.16
N ASP A 171 8.04 -12.84 -10.05
CA ASP A 171 8.45 -14.17 -10.46
C ASP A 171 9.28 -14.90 -9.39
N ALA A 172 9.95 -14.15 -8.52
CA ALA A 172 10.70 -14.79 -7.44
C ALA A 172 9.81 -15.35 -6.33
N GLY A 173 8.61 -14.82 -6.18
CA GLY A 173 7.83 -15.10 -4.99
C GLY A 173 6.43 -15.64 -5.15
N TYR A 174 5.80 -15.46 -6.30
CA TYR A 174 4.35 -15.58 -6.38
C TYR A 174 3.86 -16.53 -7.46
N GLU A 175 3.22 -17.62 -7.03
CA GLU A 175 2.52 -18.51 -7.94
C GLU A 175 1.13 -17.90 -8.13
N VAL A 176 1.04 -16.94 -9.05
CA VAL A 176 -0.08 -16.00 -9.10
C VAL A 176 -1.41 -16.73 -9.26
N ASP A 177 -1.44 -17.67 -10.19
CA ASP A 177 -2.63 -18.47 -10.47
C ASP A 177 -3.12 -19.21 -9.23
N LYS A 178 -2.18 -19.84 -8.55
CA LYS A 178 -2.51 -20.65 -7.39
C LYS A 178 -3.06 -19.80 -6.25
N ILE A 179 -2.35 -18.72 -5.91
CA ILE A 179 -2.76 -17.93 -4.76
C ILE A 179 -4.06 -17.17 -5.04
N ALA A 180 -4.29 -16.81 -6.30
CA ALA A 180 -5.53 -16.12 -6.66
C ALA A 180 -6.77 -16.92 -6.30
N GLN A 181 -6.67 -18.24 -6.27
CA GLN A 181 -7.81 -19.09 -5.91
C GLN A 181 -8.21 -18.92 -4.46
N ASN A 182 -7.28 -18.49 -3.63
CA ASN A 182 -7.45 -18.48 -2.17
C ASN A 182 -7.51 -17.09 -1.54
N LEU A 183 -7.08 -16.08 -2.26
CA LEU A 183 -7.16 -14.72 -1.77
C LEU A 183 -8.53 -14.13 -2.12
N ASP A 184 -9.16 -13.46 -1.16
CA ASP A 184 -10.41 -12.75 -1.44
C ASP A 184 -10.17 -11.55 -2.35
N PHE A 185 -9.07 -10.84 -2.13
CA PHE A 185 -8.67 -9.76 -3.02
C PHE A 185 -7.17 -9.54 -2.91
N VAL A 186 -6.64 -8.88 -3.93
CA VAL A 186 -5.22 -8.70 -4.15
C VAL A 186 -4.94 -7.20 -4.25
N ASN A 187 -4.19 -6.67 -3.30
CA ASN A 187 -3.87 -5.25 -3.21
C ASN A 187 -2.57 -5.00 -3.96
N LEU A 188 -2.70 -4.56 -5.21
CA LEU A 188 -1.53 -4.36 -6.05
C LEU A 188 -0.81 -3.06 -5.67
N MET A 189 0.44 -3.17 -5.25
CA MET A 189 1.22 -2.02 -4.81
C MET A 189 1.81 -1.31 -6.03
N ALA A 190 0.95 -0.60 -6.75
CA ALA A 190 1.32 0.04 -8.02
C ALA A 190 1.92 1.42 -7.75
N TYR A 191 3.06 1.38 -7.08
CA TYR A 191 3.81 2.57 -6.69
C TYR A 191 5.22 2.09 -6.32
N ASP A 192 6.09 3.03 -5.97
CA ASP A 192 7.51 2.76 -5.77
C ASP A 192 8.15 2.17 -7.04
N PHE A 193 7.65 2.57 -8.21
CA PHE A 193 8.27 2.12 -9.46
C PHE A 193 9.65 2.72 -9.66
N HIS A 194 9.83 3.94 -9.16
CA HIS A 194 11.08 4.67 -9.22
C HIS A 194 11.22 5.44 -7.94
N GLY A 195 12.46 5.81 -7.62
CA GLY A 195 12.72 6.55 -6.41
C GLY A 195 14.21 6.82 -6.31
N SER A 196 14.61 7.43 -5.20
CA SER A 196 15.96 7.94 -5.08
C SER A 196 17.04 6.90 -4.90
N TRP A 197 16.66 5.61 -4.86
CA TRP A 197 17.61 4.51 -5.00
C TRP A 197 18.19 4.44 -6.42
N GLU A 198 17.53 5.12 -7.35
N GLU A 198 17.58 5.18 -7.34
CA GLU A 198 18.01 5.26 -8.72
CA GLU A 198 18.04 5.23 -8.73
C GLU A 198 18.78 6.58 -8.88
C GLU A 198 18.77 6.56 -9.03
N LYS A 199 19.71 6.60 -9.83
N LYS A 199 19.71 6.51 -9.97
CA LYS A 199 20.56 7.77 -9.99
CA LYS A 199 20.63 7.62 -10.19
C LYS A 199 20.01 8.80 -10.99
C LYS A 199 20.10 8.68 -11.15
N VAL A 200 18.84 8.53 -11.56
CA VAL A 200 18.13 9.52 -12.36
C VAL A 200 16.71 9.68 -11.85
N THR A 201 16.12 10.84 -12.11
CA THR A 201 14.74 11.03 -11.68
C THR A 201 13.79 10.11 -12.45
N GLY A 202 12.72 9.71 -11.78
CA GLY A 202 11.67 8.89 -12.35
C GLY A 202 10.47 8.98 -11.44
N HIS A 203 9.28 8.72 -11.97
CA HIS A 203 8.06 8.89 -11.21
C HIS A 203 7.72 7.68 -10.36
N ASN A 204 7.27 7.96 -9.14
CA ASN A 204 6.81 6.94 -8.20
C ASN A 204 5.75 5.99 -8.79
N SER A 205 4.84 6.50 -9.59
CA SER A 205 3.66 5.75 -10.00
C SER A 205 3.12 6.21 -11.36
N PRO A 206 3.89 6.01 -12.42
CA PRO A 206 3.42 6.41 -13.75
C PRO A 206 2.43 5.41 -14.31
N LEU A 207 1.47 5.87 -15.10
CA LEU A 207 0.44 4.96 -15.60
C LEU A 207 0.93 4.11 -16.78
N TYR A 208 1.74 4.73 -17.65
CA TYR A 208 2.29 4.10 -18.85
C TYR A 208 3.78 4.41 -18.94
N LYS A 209 4.44 3.79 -19.91
CA LYS A 209 5.88 4.03 -20.11
C LYS A 209 6.16 5.37 -20.77
N ARG A 210 7.43 5.77 -20.68
CA ARG A 210 8.00 6.83 -21.49
C ARG A 210 8.60 6.28 -22.78
N GLN A 211 8.72 7.12 -23.82
CA GLN A 211 9.37 6.68 -25.08
C GLN A 211 10.75 6.27 -24.98
N GLU A 212 11.45 6.80 -24.01
CA GLU A 212 12.88 6.50 -23.85
C GLU A 212 13.13 5.18 -23.17
N GLU A 213 12.07 4.53 -22.69
CA GLU A 213 12.22 3.29 -21.96
C GLU A 213 12.16 2.09 -22.89
N SER A 214 13.01 1.12 -22.59
CA SER A 214 12.99 -0.16 -23.26
C SER A 214 13.30 -1.24 -22.24
N GLY A 215 13.29 -2.49 -22.69
CA GLY A 215 13.58 -3.63 -21.84
C GLY A 215 12.69 -3.62 -20.62
N ALA A 216 13.25 -4.05 -19.50
CA ALA A 216 12.49 -4.18 -18.27
C ALA A 216 11.91 -2.85 -17.83
N ALA A 217 12.61 -1.76 -18.12
CA ALA A 217 12.14 -0.46 -17.65
C ALA A 217 10.76 -0.13 -18.22
N ALA A 218 10.47 -0.62 -19.41
CA ALA A 218 9.21 -0.34 -20.08
C ALA A 218 8.00 -1.01 -19.42
N SER A 219 8.24 -1.87 -18.42
CA SER A 219 7.15 -2.47 -17.64
C SER A 219 7.00 -1.87 -16.25
N LEU A 220 7.80 -0.85 -15.91
CA LEU A 220 7.72 -0.18 -14.61
C LEU A 220 6.67 0.93 -14.65
N ASN A 221 5.42 0.51 -14.82
CA ASN A 221 4.30 1.42 -14.84
C ASN A 221 3.05 0.65 -14.45
N VAL A 222 2.03 1.42 -14.07
CA VAL A 222 0.81 0.85 -13.51
C VAL A 222 0.10 -0.09 -14.48
N ASP A 223 -0.04 0.34 -15.73
CA ASP A 223 -0.73 -0.48 -16.72
C ASP A 223 -0.05 -1.83 -16.90
N ALA A 224 1.28 -1.81 -17.01
CA ALA A 224 2.00 -3.07 -17.17
C ALA A 224 1.83 -3.97 -15.94
N ALA A 225 1.85 -3.37 -14.75
CA ALA A 225 1.71 -4.16 -13.53
C ALA A 225 0.33 -4.80 -13.44
N VAL A 226 -0.70 -4.03 -13.79
CA VAL A 226 -2.07 -4.55 -13.78
C VAL A 226 -2.20 -5.70 -14.77
N GLN A 227 -1.75 -5.47 -16.00
CA GLN A 227 -1.84 -6.51 -17.00
C GLN A 227 -1.03 -7.75 -16.62
N GLN A 228 0.12 -7.55 -16.01
CA GLN A 228 0.93 -8.67 -15.51
C GLN A 228 0.11 -9.57 -14.57
N TRP A 229 -0.50 -8.97 -13.54
CA TRP A 229 -1.25 -9.74 -12.57
C TRP A 229 -2.51 -10.37 -13.17
N LEU A 230 -3.18 -9.67 -14.08
CA LEU A 230 -4.34 -10.26 -14.74
C LEU A 230 -3.93 -11.45 -15.61
N GLN A 231 -2.93 -11.28 -16.46
CA GLN A 231 -2.54 -12.32 -17.39
C GLN A 231 -1.97 -13.55 -16.69
N LYS A 232 -1.36 -13.35 -15.53
CA LYS A 232 -0.79 -14.46 -14.76
C LYS A 232 -1.85 -15.17 -13.92
N GLY A 233 -3.10 -14.71 -13.97
CA GLY A 233 -4.20 -15.47 -13.43
C GLY A 233 -5.06 -14.83 -12.37
N THR A 234 -4.87 -13.55 -12.08
CA THR A 234 -5.72 -12.91 -11.08
C THR A 234 -7.02 -12.48 -11.73
N PRO A 235 -8.17 -12.94 -11.22
CA PRO A 235 -9.43 -12.43 -11.77
C PRO A 235 -9.52 -10.91 -11.59
N ALA A 236 -10.01 -10.21 -12.60
CA ALA A 236 -10.08 -8.76 -12.53
C ALA A 236 -10.85 -8.30 -11.30
N SER A 237 -11.92 -9.00 -10.95
CA SER A 237 -12.75 -8.63 -9.81
C SER A 237 -12.00 -8.69 -8.49
N LYS A 238 -10.91 -9.45 -8.42
CA LYS A 238 -10.12 -9.57 -7.21
C LYS A 238 -8.94 -8.60 -7.17
N LEU A 239 -8.59 -8.00 -8.30
CA LEU A 239 -7.41 -7.14 -8.37
C LEU A 239 -7.80 -5.71 -8.00
N ILE A 240 -7.14 -5.19 -6.97
CA ILE A 240 -7.43 -3.88 -6.41
C ILE A 240 -6.23 -2.99 -6.71
N LEU A 241 -6.43 -1.90 -7.43
CA LEU A 241 -5.33 -1.07 -7.89
C LEU A 241 -4.85 -0.09 -6.83
N GLY A 242 -3.66 -0.30 -6.31
CA GLY A 242 -3.06 0.62 -5.37
C GLY A 242 -2.68 1.96 -5.95
N MET A 243 -2.85 2.98 -5.10
N MET A 243 -2.80 2.96 -5.11
CA MET A 243 -2.73 4.41 -5.41
CA MET A 243 -2.45 4.30 -5.51
C MET A 243 -1.89 5.04 -4.28
C MET A 243 -1.90 5.05 -4.34
N PRO A 244 -0.86 5.86 -4.58
CA PRO A 244 -0.09 6.50 -3.52
C PRO A 244 -0.54 7.92 -3.25
N THR A 245 -0.68 8.25 -1.97
CA THR A 245 -0.91 9.66 -1.57
C THR A 245 0.39 10.32 -1.11
N TYR A 246 1.50 9.84 -1.63
CA TYR A 246 2.83 10.40 -1.39
C TYR A 246 3.54 10.44 -2.73
N GLY A 247 4.64 11.18 -2.77
CA GLY A 247 5.54 11.22 -3.90
C GLY A 247 6.94 10.80 -3.51
N ARG A 248 7.77 10.56 -4.52
CA ARG A 248 9.18 10.24 -4.31
C ARG A 248 10.03 11.37 -4.85
N SER A 249 10.97 11.79 -4.00
CA SER A 249 11.79 12.96 -4.21
C SER A 249 13.27 12.65 -4.43
N PHE A 250 13.90 13.56 -5.16
CA PHE A 250 15.29 13.46 -5.55
C PHE A 250 15.94 14.81 -5.36
N THR A 251 17.22 14.78 -5.02
CA THR A 251 18.10 15.93 -5.22
C THR A 251 18.72 15.81 -6.61
N LEU A 252 18.53 16.82 -7.43
CA LEU A 252 19.09 16.88 -8.78
C LEU A 252 20.56 17.17 -8.74
N ALA A 253 21.32 16.60 -9.67
CA ALA A 253 22.72 16.96 -9.82
C ALA A 253 22.87 18.44 -10.18
N SER A 254 21.92 18.95 -10.96
CA SER A 254 21.93 20.37 -11.33
C SER A 254 20.52 20.90 -11.40
N SER A 255 20.29 22.07 -10.81
CA SER A 255 19.00 22.72 -10.89
C SER A 255 18.63 23.10 -12.31
N SER A 256 19.59 23.08 -13.22
CA SER A 256 19.32 23.42 -14.61
C SER A 256 18.93 22.21 -15.47
N ASP A 257 18.88 21.01 -14.90
CA ASP A 257 18.35 19.84 -15.63
C ASP A 257 17.32 19.16 -14.77
N THR A 258 16.07 19.44 -15.09
CA THR A 258 14.92 19.03 -14.29
C THR A 258 14.02 18.03 -15.01
N ARG A 259 14.50 17.45 -16.09
CA ARG A 259 13.73 16.46 -16.84
C ARG A 259 13.45 15.21 -16.05
N VAL A 260 12.43 14.47 -16.48
CA VAL A 260 12.31 13.08 -16.09
C VAL A 260 13.51 12.36 -16.71
N GLY A 261 14.25 11.63 -15.89
CA GLY A 261 15.47 10.98 -16.35
C GLY A 261 16.72 11.80 -16.16
N ALA A 262 16.61 12.99 -15.57
CA ALA A 262 17.79 13.81 -15.29
C ALA A 262 18.64 13.19 -14.18
N PRO A 263 19.96 13.45 -14.20
CA PRO A 263 20.82 12.94 -13.11
C PRO A 263 20.42 13.46 -11.74
N ALA A 264 20.47 12.55 -10.78
CA ALA A 264 20.16 12.84 -9.39
C ALA A 264 21.35 12.39 -8.55
N THR A 265 21.55 13.05 -7.42
CA THR A 265 22.63 12.69 -6.53
C THR A 265 22.16 11.99 -5.26
N GLY A 266 20.85 11.80 -5.11
CA GLY A 266 20.33 11.11 -3.94
C GLY A 266 18.91 11.52 -3.64
N SER A 267 18.47 11.18 -2.44
CA SER A 267 17.14 11.52 -2.00
C SER A 267 16.91 13.02 -1.94
N GLY A 268 15.66 13.39 -2.10
CA GLY A 268 15.26 14.76 -1.83
C GLY A 268 15.34 15.05 -0.36
N THR A 269 15.41 16.33 -0.05
CA THR A 269 15.42 16.81 1.32
C THR A 269 14.21 16.26 2.07
N PRO A 270 14.39 15.76 3.31
CA PRO A 270 13.24 15.26 4.05
C PRO A 270 12.16 16.32 4.22
N GLY A 271 10.89 15.91 4.16
CA GLY A 271 9.79 16.80 4.39
C GLY A 271 9.75 17.27 5.82
N PRO A 272 9.16 18.45 6.06
CA PRO A 272 9.15 19.01 7.41
C PRO A 272 8.32 18.21 8.41
N PHE A 273 7.32 17.47 7.93
CA PHE A 273 6.50 16.61 8.77
C PHE A 273 6.88 15.14 8.66
N THR A 274 7.12 14.65 7.45
CA THR A 274 7.37 13.22 7.27
C THR A 274 8.79 12.80 7.59
N LYS A 275 9.75 13.72 7.47
CA LYS A 275 11.10 13.50 7.95
CA LYS A 275 11.11 13.51 7.95
C LYS A 275 11.74 12.21 7.43
N GLU A 276 11.55 11.95 6.15
CA GLU A 276 12.12 10.78 5.51
CA GLU A 276 12.11 10.77 5.52
C GLU A 276 12.58 11.14 4.12
N GLY A 277 13.88 11.35 3.98
CA GLY A 277 14.44 11.72 2.70
C GLY A 277 14.03 10.74 1.62
N GLY A 278 13.58 11.26 0.49
CA GLY A 278 13.15 10.42 -0.62
C GLY A 278 11.65 10.27 -0.77
N MET A 279 10.89 10.69 0.24
N MET A 279 10.87 10.65 0.23
CA MET A 279 9.43 10.67 0.17
CA MET A 279 9.42 10.68 0.09
C MET A 279 8.86 11.99 0.69
C MET A 279 8.87 12.00 0.64
N LEU A 280 7.70 12.39 0.16
CA LEU A 280 6.96 13.51 0.70
C LEU A 280 5.48 13.15 0.68
N ALA A 281 4.75 13.54 1.71
CA ALA A 281 3.30 13.40 1.69
C ALA A 281 2.69 14.36 0.68
N TYR A 282 1.49 14.03 0.20
CA TYR A 282 0.78 14.95 -0.66
C TYR A 282 0.70 16.35 -0.04
N TYR A 283 0.42 16.43 1.26
CA TYR A 283 0.27 17.73 1.91
C TYR A 283 1.60 18.53 1.99
N GLU A 284 2.73 17.89 1.71
CA GLU A 284 4.03 18.57 1.65
C GLU A 284 4.38 19.06 0.24
N VAL A 285 3.64 18.65 -0.79
CA VAL A 285 3.90 19.16 -2.14
C VAL A 285 2.73 19.83 -2.83
N CYS A 286 1.51 19.64 -2.37
CA CYS A 286 0.32 20.15 -3.05
C CYS A 286 0.29 21.67 -3.24
N SER A 287 0.98 22.38 -2.35
CA SER A 287 1.05 23.85 -2.44
C SER A 287 2.48 24.32 -2.22
N TRP A 288 3.42 23.55 -2.74
CA TRP A 288 4.84 23.78 -2.54
CA TRP A 288 4.84 23.78 -2.53
C TRP A 288 5.21 25.19 -3.02
N LYS A 289 5.73 25.99 -2.10
CA LYS A 289 5.90 27.41 -2.40
C LYS A 289 7.00 27.68 -3.40
N GLY A 290 6.67 28.41 -4.47
CA GLY A 290 7.68 28.79 -5.44
C GLY A 290 8.16 27.66 -6.34
N ALA A 291 7.39 26.59 -6.42
CA ALA A 291 7.75 25.43 -7.23
C ALA A 291 7.11 25.51 -8.61
N THR A 292 7.62 24.68 -9.52
CA THR A 292 7.15 24.61 -10.90
C THR A 292 6.64 23.20 -11.18
N LYS A 293 5.34 23.10 -11.50
CA LYS A 293 4.64 21.83 -11.72
C LYS A 293 4.33 21.66 -13.20
N GLN A 294 4.40 20.42 -13.66
CA GLN A 294 3.95 20.05 -15.01
C GLN A 294 3.65 18.57 -15.01
N ARG A 295 3.18 18.07 -16.14
CA ARG A 295 2.82 16.67 -16.27
C ARG A 295 3.77 15.92 -17.20
N ILE A 296 4.02 14.65 -16.87
CA ILE A 296 4.82 13.79 -17.72
C ILE A 296 3.90 13.30 -18.82
N GLN A 297 4.17 13.72 -20.08
CA GLN A 297 3.17 13.59 -21.15
C GLN A 297 2.49 12.18 -21.36
N ASP A 298 3.31 11.21 -21.51
CA ASP A 298 2.84 9.84 -21.79
C ASP A 298 2.48 9.05 -20.53
N GLN A 299 3.00 9.48 -19.38
CA GLN A 299 2.81 8.75 -18.14
C GLN A 299 1.60 9.22 -17.32
N LYS A 300 1.05 10.37 -17.68
CA LYS A 300 -0.25 10.84 -17.15
C LYS A 300 -0.22 11.19 -15.65
N VAL A 301 0.93 11.67 -15.19
CA VAL A 301 1.13 12.00 -13.78
C VAL A 301 2.02 13.25 -13.69
N PRO A 302 1.90 14.00 -12.58
CA PRO A 302 2.68 15.22 -12.43
C PRO A 302 4.04 15.04 -11.78
N TYR A 303 4.93 15.99 -12.08
CA TYR A 303 6.12 16.19 -11.27
C TYR A 303 6.30 17.66 -11.02
N ILE A 304 7.07 17.98 -9.99
CA ILE A 304 7.23 19.34 -9.55
C ILE A 304 8.67 19.52 -9.08
N PHE A 305 9.24 20.70 -9.32
CA PHE A 305 10.61 20.94 -8.89
C PHE A 305 10.73 22.34 -8.32
N ARG A 306 11.77 22.52 -7.51
CA ARG A 306 12.09 23.79 -6.92
C ARG A 306 13.58 23.76 -6.64
N ASP A 307 14.32 24.63 -7.31
CA ASP A 307 15.78 24.62 -7.23
C ASP A 307 16.27 23.20 -7.58
N ASN A 308 17.07 22.58 -6.72
CA ASN A 308 17.59 21.24 -7.02
C ASN A 308 16.74 20.09 -6.45
N GLN A 309 15.49 20.36 -6.11
CA GLN A 309 14.60 19.33 -5.57
C GLN A 309 13.54 18.98 -6.61
N TRP A 310 13.30 17.68 -6.79
CA TRP A 310 12.42 17.17 -7.83
C TRP A 310 11.54 16.08 -7.21
N VAL A 311 10.24 16.17 -7.46
CA VAL A 311 9.28 15.25 -6.85
C VAL A 311 8.26 14.75 -7.86
N GLY A 312 8.11 13.43 -7.96
CA GLY A 312 7.03 12.82 -8.73
C GLY A 312 5.96 12.36 -7.76
N PHE A 313 4.73 12.79 -7.99
CA PHE A 313 3.64 12.55 -7.05
C PHE A 313 2.34 12.38 -7.83
N ASP A 314 1.26 12.10 -7.11
CA ASP A 314 -0.07 12.00 -7.69
C ASP A 314 -0.96 13.13 -7.19
N ASP A 315 -1.79 13.64 -8.10
CA ASP A 315 -2.74 14.70 -7.78
C ASP A 315 -4.17 14.26 -8.08
N VAL A 316 -5.12 15.16 -7.90
CA VAL A 316 -6.50 14.80 -8.15
C VAL A 316 -6.67 14.31 -9.60
N GLU A 317 -6.06 15.01 -10.56
CA GLU A 317 -6.19 14.64 -11.97
C GLU A 317 -5.64 13.23 -12.23
N SER A 318 -4.49 12.90 -11.66
CA SER A 318 -3.92 11.59 -11.93
C SER A 318 -4.73 10.48 -11.26
N PHE A 319 -5.27 10.74 -10.08
CA PHE A 319 -6.15 9.78 -9.44
C PHE A 319 -7.41 9.57 -10.30
N LYS A 320 -7.99 10.62 -10.87
CA LYS A 320 -9.14 10.45 -11.75
C LYS A 320 -8.76 9.59 -12.95
N THR A 321 -7.61 9.85 -13.56
CA THR A 321 -7.15 9.09 -14.70
C THR A 321 -6.99 7.61 -14.34
N LYS A 322 -6.44 7.34 -13.17
CA LYS A 322 -6.21 5.97 -12.75
C LYS A 322 -7.51 5.23 -12.42
N VAL A 323 -8.51 5.93 -11.88
CA VAL A 323 -9.80 5.28 -11.64
C VAL A 323 -10.50 5.01 -12.97
N SER A 324 -10.42 5.94 -13.91
CA SER A 324 -10.97 5.66 -15.24
C SER A 324 -10.34 4.42 -15.84
N TYR A 325 -9.03 4.29 -15.66
CA TYR A 325 -8.29 3.14 -16.12
C TYR A 325 -8.77 1.84 -15.46
N LEU A 326 -8.87 1.84 -14.13
CA LEU A 326 -9.22 0.60 -13.47
C LEU A 326 -10.64 0.18 -13.85
N LYS A 327 -11.54 1.14 -14.05
CA LYS A 327 -12.90 0.82 -14.46
C LYS A 327 -12.91 0.23 -15.87
N GLN A 328 -12.08 0.77 -16.76
CA GLN A 328 -11.97 0.25 -18.12
C GLN A 328 -11.48 -1.20 -18.12
N LYS A 329 -10.60 -1.54 -17.18
CA LYS A 329 -10.06 -2.89 -17.07
C LYS A 329 -10.93 -3.81 -16.21
N GLY A 330 -12.03 -3.28 -15.67
CA GLY A 330 -12.95 -4.08 -14.89
C GLY A 330 -12.41 -4.53 -13.55
N LEU A 331 -11.50 -3.76 -12.94
CA LEU A 331 -10.88 -4.18 -11.69
C LEU A 331 -11.85 -4.03 -10.54
N GLY A 332 -11.50 -4.65 -9.40
CA GLY A 332 -12.39 -4.71 -8.25
C GLY A 332 -12.45 -3.44 -7.44
N GLY A 333 -11.55 -2.48 -7.68
CA GLY A 333 -11.55 -1.23 -6.98
C GLY A 333 -10.16 -0.65 -6.88
N ALA A 334 -10.02 0.28 -5.94
CA ALA A 334 -8.76 0.96 -5.69
C ALA A 334 -8.33 0.72 -4.26
N MET A 335 -7.02 0.75 -4.05
CA MET A 335 -6.41 0.70 -2.74
C MET A 335 -5.55 1.95 -2.59
N VAL A 336 -5.37 2.40 -1.35
CA VAL A 336 -4.59 3.61 -1.15
C VAL A 336 -3.63 3.48 0.02
N TRP A 337 -2.37 3.81 -0.27
CA TRP A 337 -1.32 3.95 0.74
C TRP A 337 -0.97 5.45 0.77
N ALA A 338 -1.35 6.20 1.81
CA ALA A 338 -2.05 5.77 3.03
C ALA A 338 -2.91 6.95 3.50
N LEU A 339 -3.85 6.68 4.41
CA LEU A 339 -4.77 7.71 4.90
C LEU A 339 -4.05 8.96 5.38
N ASP A 340 -2.95 8.77 6.11
CA ASP A 340 -2.28 9.87 6.80
C ASP A 340 -1.35 10.69 5.93
N LEU A 341 -1.17 10.28 4.67
CA LEU A 341 -0.33 11.01 3.73
C LEU A 341 -1.14 11.89 2.78
N ASP A 342 -2.43 11.60 2.64
CA ASP A 342 -3.36 12.56 2.05
C ASP A 342 -3.47 13.76 3.00
N ASP A 343 -4.05 14.85 2.52
CA ASP A 343 -4.32 15.98 3.42
C ASP A 343 -5.58 15.67 4.23
N PHE A 344 -5.42 14.75 5.17
CA PHE A 344 -6.56 14.20 5.89
C PHE A 344 -7.30 15.24 6.73
N ALA A 345 -6.62 16.31 7.13
CA ALA A 345 -7.25 17.33 7.97
C ALA A 345 -7.55 18.61 7.20
N GLY A 346 -7.25 18.62 5.90
CA GLY A 346 -7.44 19.78 5.05
C GLY A 346 -6.66 20.99 5.48
N PHE A 347 -5.48 20.82 6.04
CA PHE A 347 -4.75 21.96 6.58
CA PHE A 347 -4.72 21.94 6.59
C PHE A 347 -3.77 22.60 5.60
N SER A 348 -3.41 21.91 4.52
CA SER A 348 -2.35 22.36 3.64
C SER A 348 -2.80 22.74 2.24
N CYS A 349 -3.67 21.93 1.66
CA CYS A 349 -3.86 21.96 0.22
C CYS A 349 -5.01 22.82 -0.25
N ASN A 350 -5.78 23.36 0.68
CA ASN A 350 -6.98 24.14 0.38
C ASN A 350 -7.93 23.40 -0.55
N GLN A 351 -8.03 22.08 -0.36
CA GLN A 351 -8.92 21.22 -1.13
C GLN A 351 -9.87 20.44 -0.24
N GLY A 352 -10.01 20.84 1.02
CA GLY A 352 -10.85 20.10 1.96
C GLY A 352 -10.14 18.90 2.54
N ARG A 353 -10.86 18.15 3.36
CA ARG A 353 -10.29 16.96 3.97
C ARG A 353 -10.20 15.82 2.97
N TYR A 354 -9.12 15.06 3.05
CA TYR A 354 -8.94 13.86 2.22
C TYR A 354 -9.19 14.16 0.72
N PRO A 355 -8.53 15.18 0.16
CA PRO A 355 -8.83 15.50 -1.23
C PRO A 355 -8.53 14.35 -2.19
N LEU A 356 -7.43 13.63 -2.01
CA LEU A 356 -7.12 12.53 -2.93
C LEU A 356 -8.03 11.33 -2.70
N ILE A 357 -8.25 10.93 -1.45
CA ILE A 357 -9.03 9.73 -1.22
C ILE A 357 -10.53 9.99 -1.52
N GLN A 358 -11.02 11.19 -1.24
CA GLN A 358 -12.38 11.51 -1.67
C GLN A 358 -12.52 11.47 -3.18
N THR A 359 -11.46 11.81 -3.92
CA THR A 359 -11.50 11.68 -5.37
C THR A 359 -11.70 10.21 -5.75
N LEU A 360 -10.97 9.30 -5.11
CA LEU A 360 -11.17 7.89 -5.40
C LEU A 360 -12.61 7.47 -5.11
N ARG A 361 -13.12 7.85 -3.95
CA ARG A 361 -14.47 7.46 -3.56
C ARG A 361 -15.49 7.99 -4.56
N GLN A 362 -15.33 9.25 -4.97
CA GLN A 362 -16.26 9.86 -5.92
C GLN A 362 -16.21 9.16 -7.27
N GLU A 363 -15.01 8.95 -7.78
CA GLU A 363 -14.85 8.36 -9.11
C GLU A 363 -15.31 6.89 -9.17
N LEU A 364 -15.28 6.21 -8.02
CA LEU A 364 -15.78 4.84 -7.91
C LEU A 364 -17.28 4.78 -7.59
N SER A 365 -17.90 5.95 -7.46
CA SER A 365 -19.34 6.06 -7.15
C SER A 365 -19.68 5.39 -5.82
N LEU A 366 -18.82 5.62 -4.83
CA LEU A 366 -18.95 5.04 -3.50
C LEU A 366 -19.29 6.10 -2.43
N VAL A 367 -19.73 7.28 -2.85
CA VAL A 367 -20.06 8.31 -1.87
C VAL A 367 -21.34 7.94 -1.13
N PRO A 368 -21.32 8.01 0.22
CA PRO A 368 -22.55 7.71 0.98
C PRO A 368 -23.69 8.62 0.56
C1 NAG B . 5.12 -0.99 0.67
C2 NAG B . 4.66 -1.24 2.05
C3 NAG B . 4.84 -0.15 3.00
C4 NAG B . 5.50 1.04 2.40
C5 NAG B . 4.79 1.46 1.16
C6 NAG B . 5.26 2.67 0.51
C7 NAG B . 2.11 -1.33 1.35
C8 NAG B . 0.81 -2.10 1.52
N2 NAG B . 3.22 -1.83 2.11
O1 NAG B . 6.49 -1.23 0.60
O3 NAG B . 5.56 -0.72 4.11
O4 NAG B . 5.48 2.22 3.27
O5 NAG B . 4.93 0.35 0.14
O6 NAG B . 6.59 2.70 0.10
O7 NAG B . 2.23 -0.35 0.61
H1 NAG B . 4.66 -1.62 0.08
H2 NAG B . 5.26 -1.98 2.39
H3 NAG B . 3.95 0.12 3.31
H4 NAG B . 6.41 0.83 2.18
H5 NAG B . 3.84 1.57 1.35
H61 NAG B . 4.72 2.82 -0.26
H62 NAG B . 5.12 3.43 1.13
H81 NAG B . 0.13 -1.68 1.00
H82 NAG B . 0.55 -2.09 2.42
H83 NAG B . 0.93 -3.07 1.20
HN2 NAG B . 3.09 -2.55 2.61
HO1 NAG B . 6.67 -1.71 -0.14
HO3 NAG B . 5.10 -1.33 4.48
HO6 NAG B . 6.66 3.08 -0.73
C1 NAG B . 6.61 2.40 4.08
C2 NAG B . 6.76 3.81 4.49
C3 NAG B . 7.88 4.00 5.42
C4 NAG B . 7.81 3.09 6.60
C5 NAG B . 7.61 1.64 6.16
C6 NAG B . 7.36 0.69 7.17
C7 NAG B . 5.95 5.52 2.75
C8 NAG B . 6.29 6.25 1.46
N2 NAG B . 6.96 4.64 3.26
O3 NAG B . 7.94 5.39 5.86
O4 NAG B . 8.97 3.18 7.38
O5 NAG B . 6.42 1.60 5.24
O6 NAG B . 7.35 -0.65 6.68
O7 NAG B . 4.89 5.65 3.33
H1 NAG B . 7.41 2.12 3.61
H2 NAG B . 5.94 4.09 4.93
H3 NAG B . 8.71 3.80 4.95
H4 NAG B . 7.04 3.36 7.16
H5 NAG B . 8.38 1.36 5.67
H61 NAG B . 8.04 0.77 7.85
H62 NAG B . 6.50 0.88 7.55
H81 NAG B . 7.15 6.70 1.57
H82 NAG B . 5.59 6.91 1.28
H83 NAG B . 6.33 5.59 0.70
HN2 NAG B . 7.76 4.55 2.78
HO3 NAG B . 8.77 5.71 5.71
HO4 NAG B . 8.85 3.74 8.06
HO6 NAG B . 7.53 -1.22 7.38
#